data_7V9G
#
_entry.id   7V9G
#
_cell.length_a   200.484
_cell.length_b   200.484
_cell.length_c   151.274
_cell.angle_alpha   90.000
_cell.angle_beta   90.000
_cell.angle_gamma   120.000
#
_symmetry.space_group_name_H-M   'P 62 2 2'
#
loop_
_entity.id
_entity.type
_entity.pdbx_description
1 polymer 'BEN domain-containing protein 3'
2 polymer "DNA (5'-D(*TP*GP*GP*CP*CP*CP*CP*AP*CP*GP*CP*GP*GP*TP*GP*C)-3')"
3 polymer "DNA (5'-D(*GP*CP*AP*CP*CP*GP*CP*GP*TP*GP*GP*GP*GP*CP*CP*A)-3')"
#
loop_
_entity_poly.entity_id
_entity_poly.type
_entity_poly.pdbx_seq_one_letter_code
_entity_poly.pdbx_strand_id
1 'polypeptide(L)'
;VPSPYLLSDKEVREIVQQSLSVGNFAARLLVRLFPELFTTENLRLQYNHSGACNKKQLDPTRLRLIRHYVEAVYPVEKME
EVWHYECIPSIDERCRRPNRKKCDILKKAKKVEK
;
A,D,G,J
2 'polydeoxyribonucleotide' (DT)(DG)(DG)(DC)(DC)(DC)(DC)(DA)(DC)(DG)(DC)(DG)(DG)(DT)(DG)(DC) B,E,H,K
3 'polydeoxyribonucleotide' (DG)(DC)(DA)(DC)(DC)(DG)(DC)(DG)(DT)(DG)(DG)(DG)(DG)(DC)(DC)(DA) C,F,I,L
#
loop_
_chem_comp.id
_chem_comp.type
_chem_comp.name
_chem_comp.formula
DA DNA linking 2'-DEOXYADENOSINE-5'-MONOPHOSPHATE 'C10 H14 N5 O6 P'
DC DNA linking 2'-DEOXYCYTIDINE-5'-MONOPHOSPHATE 'C9 H14 N3 O7 P'
DG DNA linking 2'-DEOXYGUANOSINE-5'-MONOPHOSPHATE 'C10 H14 N5 O7 P'
DT DNA linking THYMIDINE-5'-MONOPHOSPHATE 'C10 H15 N2 O8 P'
#
# COMPACT_ATOMS: atom_id res chain seq x y z
N VAL A 1 -9.22 13.44 -0.69
CA VAL A 1 -9.05 14.87 -0.98
C VAL A 1 -8.21 15.15 -2.24
N PRO A 2 -7.01 14.56 -2.37
CA PRO A 2 -6.16 14.92 -3.51
C PRO A 2 -6.68 14.49 -4.89
N SER A 3 -7.18 15.44 -5.71
CA SER A 3 -7.20 15.27 -7.16
C SER A 3 -5.85 15.65 -7.78
N PRO A 4 -5.29 16.83 -7.44
CA PRO A 4 -4.01 17.21 -8.09
C PRO A 4 -2.82 16.44 -7.56
N TYR A 5 -2.81 16.10 -6.28
CA TYR A 5 -1.67 15.42 -5.67
C TYR A 5 -1.51 13.99 -6.18
N LEU A 6 -2.41 13.49 -7.02
CA LEU A 6 -2.37 12.12 -7.50
C LEU A 6 -1.41 12.03 -8.68
N LEU A 7 -0.33 11.29 -8.51
CA LEU A 7 0.72 11.15 -9.51
C LEU A 7 0.51 9.90 -10.37
N SER A 8 0.68 10.06 -11.67
CA SER A 8 0.60 8.96 -12.62
C SER A 8 1.84 8.07 -12.52
N ASP A 9 1.75 6.87 -13.11
CA ASP A 9 2.90 5.98 -13.14
C ASP A 9 4.12 6.65 -13.76
N LYS A 10 3.92 7.38 -14.86
CA LYS A 10 5.03 8.05 -15.53
C LYS A 10 5.66 9.09 -14.63
N GLU A 11 4.83 9.90 -13.95
CA GLU A 11 5.35 10.93 -13.06
C GLU A 11 6.13 10.32 -11.89
N VAL A 12 5.59 9.26 -11.30
CA VAL A 12 6.27 8.58 -10.20
C VAL A 12 7.59 8.00 -10.66
N ARG A 13 7.60 7.34 -11.82
CA ARG A 13 8.83 6.75 -12.35
C ARG A 13 9.92 7.80 -12.53
N GLU A 14 9.56 8.97 -13.08
CA GLU A 14 10.52 10.06 -13.22
C GLU A 14 11.13 10.46 -11.89
N ILE A 15 10.30 10.57 -10.85
CA ILE A 15 10.82 10.97 -9.54
C ILE A 15 11.77 9.92 -9.01
N VAL A 16 11.45 8.64 -9.21
CA VAL A 16 12.36 7.57 -8.82
C VAL A 16 13.71 7.72 -9.52
N GLN A 17 13.68 8.06 -10.80
CA GLN A 17 14.93 8.11 -11.55
C GLN A 17 15.89 9.17 -11.01
N GLN A 18 15.39 10.37 -10.70
CA GLN A 18 16.27 11.40 -10.18
C GLN A 18 16.65 11.21 -8.71
N SER A 19 15.99 10.32 -7.99
CA SER A 19 16.27 10.14 -6.57
C SER A 19 17.43 9.17 -6.37
N LEU A 20 18.27 9.46 -5.36
CA LEU A 20 19.47 8.67 -5.12
C LEU A 20 19.24 7.48 -4.20
N SER A 21 18.13 7.45 -3.49
CA SER A 21 17.87 6.37 -2.55
C SER A 21 16.40 6.38 -2.21
N VAL A 22 15.98 5.35 -1.47
CA VAL A 22 14.58 5.29 -1.05
C VAL A 22 14.25 6.47 -0.15
N GLY A 23 15.15 6.79 0.80
CA GLY A 23 14.90 7.94 1.65
C GLY A 23 14.81 9.22 0.85
N ASN A 24 15.78 9.45 -0.03
CA ASN A 24 15.75 10.61 -0.90
C ASN A 24 14.50 10.61 -1.77
N PHE A 25 14.05 9.42 -2.19
CA PHE A 25 12.82 9.32 -2.96
C PHE A 25 11.63 9.83 -2.17
N ALA A 26 11.55 9.47 -0.89
CA ALA A 26 10.47 10.01 -0.06
C ALA A 26 10.59 11.53 0.05
N ALA A 27 11.82 12.05 0.19
CA ALA A 27 12.01 13.49 0.33
C ALA A 27 11.53 14.23 -0.91
N ARG A 28 11.82 13.71 -2.09
CA ARG A 28 11.37 14.35 -3.33
C ARG A 28 9.85 14.34 -3.42
N LEU A 29 9.23 13.23 -3.06
CA LEU A 29 7.77 13.15 -3.05
C LEU A 29 7.19 14.21 -2.13
N LEU A 30 7.85 14.47 -1.00
CA LEU A 30 7.42 15.52 -0.10
C LEU A 30 7.39 16.87 -0.81
N VAL A 31 8.48 17.20 -1.51
CA VAL A 31 8.56 18.48 -2.23
C VAL A 31 7.53 18.51 -3.35
N ARG A 32 7.36 17.39 -4.05
CA ARG A 32 6.41 17.33 -5.15
C ARG A 32 4.98 17.45 -4.66
N LEU A 33 4.70 16.92 -3.46
CA LEU A 33 3.34 16.91 -2.93
C LEU A 33 3.05 18.07 -2.00
N PHE A 34 4.07 18.74 -1.48
CA PHE A 34 3.90 19.93 -0.64
C PHE A 34 4.57 21.13 -1.29
N PRO A 35 4.14 21.52 -2.48
CA PRO A 35 4.81 22.65 -3.15
C PRO A 35 4.68 23.96 -2.39
N GLU A 36 3.56 24.16 -1.70
CA GLU A 36 3.31 25.40 -0.97
C GLU A 36 4.28 25.62 0.18
N LEU A 37 4.83 24.55 0.75
CA LEU A 37 5.79 24.70 1.84
C LEU A 37 7.20 24.99 1.33
N PHE A 38 7.49 24.72 0.06
CA PHE A 38 8.84 24.81 -0.48
C PHE A 38 9.00 25.99 -1.42
N THR A 39 8.21 27.04 -1.23
CA THR A 39 8.44 28.29 -1.92
C THR A 39 9.66 29.00 -1.34
N THR A 40 10.01 30.14 -1.94
CA THR A 40 11.08 30.94 -1.37
C THR A 40 10.72 31.49 0.01
N GLU A 41 9.45 31.45 0.38
CA GLU A 41 9.05 31.84 1.71
C GLU A 41 9.43 30.79 2.75
N ASN A 42 9.68 29.55 2.32
CA ASN A 42 10.20 28.49 3.18
C ASN A 42 9.29 28.21 4.37
N LEU A 43 8.00 28.08 4.10
CA LEU A 43 7.07 27.67 5.15
C LEU A 43 7.38 26.27 5.66
N ARG A 44 8.11 25.47 4.88
CA ARG A 44 8.51 24.13 5.29
C ARG A 44 9.19 24.12 6.66
N LEU A 45 9.85 25.22 7.02
CA LEU A 45 10.63 25.26 8.26
C LEU A 45 9.77 25.17 9.51
N GLN A 46 8.48 25.44 9.41
CA GLN A 46 7.60 25.35 10.56
C GLN A 46 7.00 23.96 10.75
N TYR A 47 7.36 22.99 9.90
CA TYR A 47 6.71 21.70 9.89
C TYR A 47 7.72 20.57 10.01
N ASN A 48 7.25 19.47 10.60
CA ASN A 48 7.85 18.16 10.40
C ASN A 48 6.73 17.13 10.38
N HIS A 49 7.12 15.86 10.25
CA HIS A 49 6.14 14.83 9.93
C HIS A 49 5.16 14.57 11.07
N SER A 50 5.55 14.84 12.31
CA SER A 50 4.75 14.45 13.47
C SER A 50 4.21 15.62 14.27
N GLY A 51 4.72 16.83 14.08
CA GLY A 51 4.39 17.94 14.95
C GLY A 51 5.24 18.06 16.20
N ALA A 52 6.34 17.33 16.27
CA ALA A 52 7.27 17.40 17.39
C ALA A 52 8.00 18.75 17.43
N CYS A 53 8.60 19.04 18.58
CA CYS A 53 9.44 20.23 18.78
C CYS A 53 8.69 21.52 18.42
N ASN A 54 7.45 21.62 18.91
CA ASN A 54 6.61 22.80 18.75
C ASN A 54 6.36 23.14 17.29
N LYS A 55 6.64 22.23 16.38
CA LYS A 55 6.39 22.49 14.97
C LYS A 55 5.00 22.00 14.59
N LYS A 56 4.50 22.51 13.48
CA LYS A 56 3.25 22.02 12.93
C LYS A 56 3.47 20.68 12.24
N GLN A 57 2.41 19.91 12.12
CA GLN A 57 2.48 18.56 11.58
C GLN A 57 2.10 18.54 10.11
N LEU A 58 2.91 17.88 9.29
CA LEU A 58 2.57 17.68 7.90
C LEU A 58 1.23 16.97 7.79
N ASP A 59 0.42 17.41 6.81
CA ASP A 59 -0.88 16.83 6.51
C ASP A 59 -0.77 15.31 6.43
N PRO A 60 -1.34 14.58 7.40
CA PRO A 60 -1.15 13.12 7.43
C PRO A 60 -1.77 12.41 6.24
N THR A 61 -2.75 13.04 5.58
CA THR A 61 -3.30 12.45 4.37
C THR A 61 -2.26 12.36 3.26
N ARG A 62 -1.59 13.48 2.97
CA ARG A 62 -0.54 13.47 1.96
C ARG A 62 0.69 12.70 2.42
N LEU A 63 0.99 12.75 3.72
CA LEU A 63 2.12 11.97 4.22
C LEU A 63 1.87 10.48 4.06
N ARG A 64 0.63 10.03 4.28
CA ARG A 64 0.31 8.63 3.99
C ARG A 64 0.43 8.34 2.50
N LEU A 65 0.07 9.32 1.66
CA LEU A 65 0.21 9.15 0.22
C LEU A 65 1.68 9.00 -0.18
N ILE A 66 2.56 9.79 0.43
CA ILE A 66 3.99 9.61 0.17
C ILE A 66 4.41 8.18 0.48
N ARG A 67 3.94 7.67 1.62
CA ARG A 67 4.21 6.28 1.97
C ARG A 67 3.71 5.33 0.90
N HIS A 68 2.51 5.59 0.38
CA HIS A 68 1.93 4.72 -0.64
C HIS A 68 2.85 4.62 -1.86
N TYR A 69 3.34 5.76 -2.34
CA TYR A 69 4.23 5.73 -3.50
C TYR A 69 5.55 5.03 -3.16
N VAL A 70 6.06 5.23 -1.95
CA VAL A 70 7.33 4.62 -1.56
C VAL A 70 7.21 3.10 -1.58
N GLU A 71 6.09 2.57 -1.07
CA GLU A 71 5.88 1.13 -1.06
C GLU A 71 5.38 0.61 -2.39
N ALA A 72 4.90 1.51 -3.25
CA ALA A 72 4.47 1.10 -4.57
C ALA A 72 5.68 0.86 -5.48
N VAL A 73 6.76 1.59 -5.26
CA VAL A 73 7.95 1.43 -6.07
C VAL A 73 8.91 0.42 -5.45
N TYR A 74 8.97 0.38 -4.12
CA TYR A 74 9.85 -0.51 -3.37
C TYR A 74 8.95 -1.40 -2.52
N PRO A 75 8.32 -2.40 -3.12
CA PRO A 75 7.27 -3.19 -2.44
C PRO A 75 7.75 -4.29 -1.48
N VAL A 76 6.77 -5.06 -0.98
CA VAL A 76 7.02 -6.20 -0.10
C VAL A 76 7.76 -7.31 -0.83
N GLU A 77 8.65 -7.99 -0.11
CA GLU A 77 9.34 -9.16 -0.62
C GLU A 77 8.38 -10.36 -0.62
N LYS A 78 8.08 -10.91 -1.81
CA LYS A 78 7.22 -12.09 -1.91
C LYS A 78 7.99 -13.31 -1.43
N MET A 79 7.63 -13.78 -0.23
CA MET A 79 8.28 -14.88 0.47
C MET A 79 7.90 -16.26 -0.05
N GLU A 80 7.41 -16.40 -1.27
CA GLU A 80 6.88 -17.69 -1.70
C GLU A 80 7.88 -18.83 -1.61
N GLU A 81 8.94 -18.76 -2.41
CA GLU A 81 9.97 -19.80 -2.43
C GLU A 81 11.00 -19.62 -1.32
N VAL A 82 10.96 -18.49 -0.60
CA VAL A 82 12.00 -18.16 0.38
C VAL A 82 12.02 -19.16 1.53
N TRP A 83 10.86 -19.55 2.05
CA TRP A 83 10.84 -20.47 3.19
C TRP A 83 11.52 -21.79 2.86
N HIS A 84 11.22 -22.35 1.68
CA HIS A 84 11.77 -23.66 1.34
C HIS A 84 13.26 -23.57 0.98
N TYR A 85 13.68 -22.50 0.29
CA TYR A 85 15.01 -22.43 -0.28
C TYR A 85 16.04 -21.68 0.56
N GLU A 86 15.60 -20.83 1.49
CA GLU A 86 16.52 -20.04 2.33
C GLU A 86 16.39 -20.36 3.81
N CYS A 87 15.18 -20.29 4.37
CA CYS A 87 15.01 -20.48 5.81
C CYS A 87 15.33 -21.91 6.23
N ILE A 88 14.78 -22.88 5.51
CA ILE A 88 15.00 -24.28 5.87
C ILE A 88 16.47 -24.64 5.83
N PRO A 89 17.24 -24.29 4.78
CA PRO A 89 18.68 -24.56 4.85
C PRO A 89 19.35 -23.90 6.04
N SER A 90 18.98 -22.67 6.37
CA SER A 90 19.60 -21.98 7.50
C SER A 90 19.25 -22.65 8.82
N ILE A 91 18.02 -23.12 8.96
CA ILE A 91 17.63 -23.81 10.19
C ILE A 91 18.44 -25.08 10.38
N ASP A 92 18.56 -25.88 9.33
CA ASP A 92 19.37 -27.09 9.41
C ASP A 92 20.83 -26.76 9.67
N GLU A 93 21.35 -25.72 8.99
CA GLU A 93 22.74 -25.34 9.21
C GLU A 93 22.99 -24.95 10.66
N ARG A 94 22.10 -24.15 11.25
CA ARG A 94 22.28 -23.74 12.63
C ARG A 94 22.21 -24.95 13.57
N CYS A 95 21.41 -25.96 13.23
CA CYS A 95 21.26 -27.12 14.08
C CYS A 95 22.51 -27.99 14.05
N ARG A 96 23.20 -28.04 12.91
CA ARG A 96 24.38 -28.88 12.75
C ARG A 96 25.69 -28.11 12.82
N ARG A 97 25.64 -26.79 13.01
CA ARG A 97 26.88 -25.98 12.99
C ARG A 97 27.83 -26.44 14.09
N PRO A 98 29.08 -26.72 13.77
CA PRO A 98 30.05 -27.17 14.79
C PRO A 98 30.55 -26.02 15.67
N ASN A 99 30.98 -26.38 16.87
CA ASN A 99 31.50 -25.37 17.79
C ASN A 99 32.79 -24.77 17.24
N ARG A 100 33.72 -25.62 16.82
CA ARG A 100 34.94 -25.19 16.15
C ARG A 100 34.93 -25.69 14.71
N LYS A 101 35.43 -24.86 13.80
CA LYS A 101 35.65 -25.31 12.43
C LYS A 101 36.73 -26.39 12.42
N LYS A 102 36.62 -27.31 11.46
CA LYS A 102 37.58 -28.42 11.43
C LYS A 102 38.97 -27.95 11.01
N CYS A 103 39.05 -26.95 10.13
CA CYS A 103 40.36 -26.40 9.78
C CYS A 103 41.04 -25.77 10.98
N ASP A 104 40.27 -25.16 11.88
CA ASP A 104 40.84 -24.60 13.10
C ASP A 104 41.18 -25.68 14.11
N ILE A 105 40.49 -26.82 14.07
CA ILE A 105 40.80 -27.94 14.94
C ILE A 105 41.98 -28.75 14.38
N SER D 3 -1.68 -20.51 20.66
CA SER D 3 -0.62 -21.42 21.06
C SER D 3 0.17 -20.81 22.24
N PRO D 4 0.83 -21.67 23.03
CA PRO D 4 1.60 -21.17 24.18
C PRO D 4 2.95 -20.54 23.84
N TYR D 5 3.71 -21.10 22.88
CA TYR D 5 5.04 -20.56 22.58
C TYR D 5 5.02 -19.27 21.77
N LEU D 6 4.18 -18.30 22.15
CA LEU D 6 4.10 -17.04 21.41
C LEU D 6 5.11 -16.04 21.95
N LEU D 7 5.79 -15.36 21.03
CA LEU D 7 6.71 -14.29 21.38
C LEU D 7 5.95 -12.97 21.31
N SER D 8 6.48 -11.96 21.99
CA SER D 8 5.80 -10.68 21.96
C SER D 8 5.98 -10.03 20.59
N ASP D 9 5.00 -9.22 20.22
CA ASP D 9 5.08 -8.49 18.95
C ASP D 9 6.33 -7.64 18.91
N LYS D 10 6.62 -6.94 20.01
CA LYS D 10 7.78 -6.07 20.06
C LYS D 10 9.08 -6.85 19.94
N GLU D 11 9.19 -7.99 20.64
CA GLU D 11 10.41 -8.80 20.52
C GLU D 11 10.59 -9.33 19.11
N VAL D 12 9.50 -9.78 18.48
CA VAL D 12 9.61 -10.25 17.11
C VAL D 12 10.13 -9.15 16.21
N ARG D 13 9.60 -7.93 16.38
CA ARG D 13 10.08 -6.80 15.59
C ARG D 13 11.58 -6.60 15.81
N GLU D 14 12.02 -6.67 17.07
CA GLU D 14 13.44 -6.52 17.39
C GLU D 14 14.29 -7.55 16.65
N ILE D 15 13.83 -8.79 16.59
CA ILE D 15 14.60 -9.84 15.92
C ILE D 15 14.67 -9.56 14.42
N VAL D 16 13.58 -9.06 13.84
CA VAL D 16 13.60 -8.69 12.42
C VAL D 16 14.69 -7.67 12.17
N GLN D 17 14.74 -6.65 13.02
CA GLN D 17 15.68 -5.56 12.83
C GLN D 17 17.12 -6.06 12.97
N GLN D 18 17.37 -6.93 13.96
CA GLN D 18 18.70 -7.47 14.21
C GLN D 18 19.10 -8.53 13.21
N SER D 19 18.18 -9.01 12.39
CA SER D 19 18.44 -10.13 11.50
C SER D 19 19.19 -9.65 10.26
N LEU D 20 20.12 -10.48 9.79
CA LEU D 20 20.95 -10.11 8.66
C LEU D 20 20.33 -10.45 7.33
N SER D 21 19.38 -11.39 7.34
CA SER D 21 18.71 -11.86 6.15
C SER D 21 17.48 -12.62 6.62
N VAL D 22 16.62 -12.97 5.67
CA VAL D 22 15.45 -13.76 6.04
C VAL D 22 15.87 -15.11 6.61
N GLY D 23 16.88 -15.74 5.99
CA GLY D 23 17.37 -17.01 6.53
C GLY D 23 17.91 -16.87 7.93
N ASN D 24 18.73 -15.85 8.17
CA ASN D 24 19.23 -15.58 9.51
C ASN D 24 18.09 -15.24 10.47
N PHE D 25 17.03 -14.58 9.98
CA PHE D 25 15.87 -14.30 10.82
C PHE D 25 15.23 -15.58 11.31
N ALA D 26 15.03 -16.55 10.43
CA ALA D 26 14.49 -17.83 10.85
C ALA D 26 15.43 -18.52 11.82
N ALA D 27 16.73 -18.48 11.55
CA ALA D 27 17.70 -19.13 12.42
C ALA D 27 17.64 -18.56 13.83
N ARG D 28 17.50 -17.23 13.93
CA ARG D 28 17.40 -16.62 15.26
C ARG D 28 16.15 -17.07 15.99
N LEU D 29 15.01 -17.14 15.29
CA LEU D 29 13.80 -17.65 15.92
C LEU D 29 13.99 -19.08 16.38
N LEU D 30 14.71 -19.89 15.60
CA LEU D 30 14.98 -21.26 16.01
C LEU D 30 15.67 -21.32 17.36
N VAL D 31 16.73 -20.52 17.54
CA VAL D 31 17.41 -20.51 18.82
C VAL D 31 16.49 -19.97 19.91
N ARG D 32 15.71 -18.92 19.59
CA ARG D 32 14.86 -18.31 20.60
C ARG D 32 13.74 -19.24 21.05
N LEU D 33 13.21 -20.05 20.15
CA LEU D 33 12.08 -20.93 20.44
C LEU D 33 12.49 -22.33 20.83
N PHE D 34 13.72 -22.73 20.53
CA PHE D 34 14.26 -24.04 20.90
C PHE D 34 15.47 -23.87 21.81
N PRO D 35 15.29 -23.24 22.97
CA PRO D 35 16.45 -22.98 23.83
C PRO D 35 17.10 -24.25 24.32
N GLU D 36 16.30 -25.30 24.57
CA GLU D 36 16.85 -26.52 25.14
C GLU D 36 17.82 -27.20 24.19
N LEU D 37 17.70 -26.98 22.90
CA LEU D 37 18.63 -27.59 21.96
C LEU D 37 19.94 -26.83 21.87
N PHE D 38 19.97 -25.58 22.33
CA PHE D 38 21.12 -24.72 22.14
C PHE D 38 21.89 -24.48 23.43
N THR D 39 21.80 -25.41 24.37
CA THR D 39 22.67 -25.38 25.54
C THR D 39 24.08 -25.79 25.13
N THR D 40 25.00 -25.74 26.10
CA THR D 40 26.35 -26.23 25.85
C THR D 40 26.37 -27.73 25.57
N GLU D 41 25.27 -28.42 25.87
CA GLU D 41 25.15 -29.84 25.53
C GLU D 41 24.97 -30.05 24.04
N ASN D 42 24.51 -29.02 23.32
CA ASN D 42 24.37 -29.07 21.86
C ASN D 42 23.44 -30.20 21.44
N LEU D 43 22.27 -30.26 22.08
CA LEU D 43 21.25 -31.21 21.64
C LEU D 43 20.78 -30.92 20.23
N ARG D 44 20.98 -29.68 19.76
CA ARG D 44 20.63 -29.27 18.40
C ARG D 44 21.23 -30.20 17.34
N LEU D 45 22.39 -30.80 17.62
CA LEU D 45 23.08 -31.62 16.64
C LEU D 45 22.33 -32.91 16.31
N GLN D 46 21.41 -33.34 17.16
CA GLN D 46 20.63 -34.54 16.92
C GLN D 46 19.36 -34.26 16.13
N TYR D 47 19.14 -33.03 15.71
CA TYR D 47 17.89 -32.63 15.07
C TYR D 47 18.18 -31.93 13.74
N ASN D 48 17.22 -32.05 12.82
CA ASN D 48 17.08 -31.10 11.74
C ASN D 48 15.58 -30.91 11.48
N HIS D 49 15.25 -30.11 10.46
CA HIS D 49 13.89 -29.63 10.32
C HIS D 49 12.93 -30.74 9.90
N SER D 50 13.42 -31.78 9.22
CA SER D 50 12.57 -32.80 8.62
C SER D 50 12.74 -34.19 9.22
N GLY D 51 13.79 -34.42 9.99
CA GLY D 51 14.11 -35.77 10.42
C GLY D 51 14.93 -36.56 9.45
N ALA D 52 15.52 -35.90 8.45
CA ALA D 52 16.36 -36.57 7.47
C ALA D 52 17.65 -37.06 8.12
N CYS D 53 18.31 -37.98 7.42
CA CYS D 53 19.63 -38.50 7.81
C CYS D 53 19.61 -39.08 9.22
N ASN D 54 18.58 -39.88 9.51
CA ASN D 54 18.43 -40.60 10.78
C ASN D 54 18.39 -39.67 11.99
N LYS D 55 18.18 -38.37 11.77
CA LYS D 55 18.11 -37.43 12.87
C LYS D 55 16.66 -37.27 13.34
N LYS D 56 16.51 -36.72 14.54
CA LYS D 56 15.20 -36.39 15.07
C LYS D 56 14.68 -35.14 14.38
N GLN D 57 13.36 -34.98 14.38
CA GLN D 57 12.72 -33.88 13.69
C GLN D 57 12.36 -32.77 14.68
N LEU D 58 12.69 -31.53 14.32
CA LEU D 58 12.29 -30.37 15.11
C LEU D 58 10.78 -30.33 15.28
N ASP D 59 10.33 -30.00 16.49
CA ASP D 59 8.90 -29.90 16.82
C ASP D 59 8.18 -29.11 15.75
N PRO D 60 7.33 -29.76 14.94
CA PRO D 60 6.69 -29.05 13.83
C PRO D 60 5.72 -27.99 14.27
N THR D 61 5.23 -28.03 15.51
CA THR D 61 4.36 -26.95 15.98
C THR D 61 5.11 -25.63 16.00
N ARG D 62 6.28 -25.61 16.66
CA ARG D 62 7.07 -24.39 16.74
C ARG D 62 7.67 -24.02 15.39
N LEU D 63 8.07 -25.01 14.58
CA LEU D 63 8.62 -24.73 13.26
C LEU D 63 7.57 -24.07 12.37
N ARG D 64 6.32 -24.50 12.50
CA ARG D 64 5.23 -23.84 11.77
C ARG D 64 5.04 -22.40 12.25
N LEU D 65 5.24 -22.13 13.54
CA LEU D 65 5.17 -20.76 14.03
C LEU D 65 6.28 -19.90 13.43
N ILE D 66 7.50 -20.44 13.35
CA ILE D 66 8.60 -19.75 12.68
C ILE D 66 8.23 -19.44 11.24
N ARG D 67 7.60 -20.40 10.55
CA ARG D 67 7.14 -20.14 9.20
C ARG D 67 6.15 -18.97 9.19
N HIS D 68 5.23 -18.93 10.16
CA HIS D 68 4.25 -17.84 10.21
C HIS D 68 4.94 -16.48 10.30
N TYR D 69 5.93 -16.36 11.18
CA TYR D 69 6.62 -15.09 11.33
C TYR D 69 7.38 -14.72 10.06
N VAL D 70 7.98 -15.70 9.41
CA VAL D 70 8.74 -15.43 8.19
C VAL D 70 7.84 -14.95 7.06
N GLU D 71 6.71 -15.63 6.85
CA GLU D 71 5.88 -15.25 5.71
C GLU D 71 4.82 -14.19 6.00
N ALA D 72 4.35 -14.06 7.25
CA ALA D 72 3.33 -13.07 7.53
C ALA D 72 3.84 -11.78 8.17
N VAL D 73 4.80 -11.85 9.09
CA VAL D 73 5.25 -10.68 9.83
C VAL D 73 6.53 -10.08 9.25
N TYR D 74 7.49 -10.93 8.86
CA TYR D 74 8.80 -10.42 8.43
C TYR D 74 8.74 -9.39 7.31
N PRO D 75 7.96 -9.53 6.24
CA PRO D 75 8.09 -8.54 5.16
C PRO D 75 7.42 -7.25 5.54
N VAL D 76 6.36 -7.34 6.35
CA VAL D 76 5.68 -6.13 6.82
C VAL D 76 6.58 -5.33 7.76
N GLU D 77 7.30 -6.03 8.65
CA GLU D 77 8.18 -5.33 9.57
C GLU D 77 9.40 -4.76 8.87
N LYS D 78 9.85 -5.38 7.77
CA LYS D 78 10.99 -4.84 7.06
C LYS D 78 10.61 -3.55 6.31
N MET D 79 9.39 -3.48 5.77
CA MET D 79 8.95 -2.22 5.17
C MET D 79 8.70 -1.18 6.23
N GLU D 80 8.07 -1.59 7.33
CA GLU D 80 7.77 -0.67 8.41
C GLU D 80 9.05 -0.03 8.93
N GLU D 81 10.11 -0.83 9.06
CA GLU D 81 11.37 -0.33 9.57
C GLU D 81 12.11 0.52 8.54
N VAL D 82 11.84 0.33 7.24
CA VAL D 82 12.45 1.19 6.23
C VAL D 82 11.79 2.56 6.22
N TRP D 83 10.45 2.57 6.26
CA TRP D 83 9.74 3.84 6.25
C TRP D 83 10.07 4.67 7.49
N HIS D 84 10.09 4.03 8.66
CA HIS D 84 10.29 4.78 9.89
C HIS D 84 11.73 5.23 10.05
N TYR D 85 12.69 4.41 9.64
CA TYR D 85 14.10 4.73 9.88
C TYR D 85 14.77 5.45 8.72
N GLU D 86 14.22 5.38 7.51
CA GLU D 86 14.84 6.03 6.38
C GLU D 86 13.98 7.13 5.78
N CYS D 87 12.73 6.85 5.44
CA CYS D 87 11.92 7.88 4.80
C CYS D 87 11.57 9.00 5.78
N ILE D 88 11.08 8.66 6.97
CA ILE D 88 10.70 9.69 7.93
C ILE D 88 11.87 10.59 8.31
N PRO D 89 13.05 10.07 8.66
CA PRO D 89 14.19 10.97 8.91
C PRO D 89 14.52 11.85 7.72
N SER D 90 14.42 11.31 6.49
CA SER D 90 14.71 12.10 5.29
C SER D 90 13.68 13.20 5.07
N ILE D 91 12.41 12.92 5.35
CA ILE D 91 11.37 13.93 5.19
C ILE D 91 11.58 15.06 6.18
N ASP D 92 11.85 14.73 7.44
CA ASP D 92 12.10 15.76 8.44
C ASP D 92 13.35 16.57 8.11
N GLU D 93 14.41 15.90 7.66
CA GLU D 93 15.62 16.62 7.28
C GLU D 93 15.32 17.61 6.17
N ARG D 94 14.54 17.19 5.17
CA ARG D 94 14.20 18.08 4.07
C ARG D 94 13.37 19.27 4.54
N CYS D 95 12.53 19.09 5.54
CA CYS D 95 11.71 20.21 6.00
C CYS D 95 12.51 21.22 6.79
N ARG D 96 13.50 20.76 7.55
CA ARG D 96 14.26 21.65 8.43
C ARG D 96 15.58 22.09 7.84
N ARG D 97 15.91 21.63 6.64
CA ARG D 97 17.22 21.93 6.05
C ARG D 97 17.37 23.43 5.83
N PRO D 98 18.45 24.05 6.30
CA PRO D 98 18.66 25.47 6.07
C PRO D 98 19.12 25.72 4.63
N ASN D 99 18.84 26.94 4.16
CA ASN D 99 19.23 27.29 2.81
C ASN D 99 20.75 27.33 2.67
N ARG D 100 21.42 27.96 3.64
CA ARG D 100 22.88 28.01 3.67
C ARG D 100 23.39 27.45 4.98
N LYS D 101 24.54 26.78 4.93
CA LYS D 101 25.09 26.18 6.13
C LYS D 101 25.47 27.25 7.15
N LYS D 102 25.51 26.86 8.43
CA LYS D 102 25.96 27.79 9.44
C LYS D 102 27.42 28.18 9.22
N CYS D 103 28.25 27.26 8.74
CA CYS D 103 29.65 27.62 8.50
C CYS D 103 29.80 28.48 7.26
N ASP D 104 29.03 28.18 6.20
CA ASP D 104 29.13 28.99 4.98
C ASP D 104 28.62 30.40 5.21
N ILE D 105 27.66 30.58 6.12
CA ILE D 105 27.18 31.92 6.41
C ILE D 105 28.23 32.72 7.16
N LEU D 106 28.85 32.10 8.17
CA LEU D 106 29.84 32.83 8.96
C LEU D 106 31.09 33.15 8.15
N LYS D 107 31.49 32.28 7.22
CA LYS D 107 32.64 32.60 6.37
C LYS D 107 32.36 33.82 5.50
N LYS D 108 31.14 33.91 4.96
CA LYS D 108 30.75 35.12 4.24
C LYS D 108 30.66 36.32 5.18
N ALA D 109 30.12 36.11 6.39
CA ALA D 109 30.03 37.20 7.35
C ALA D 109 31.42 37.74 7.69
N LYS D 110 32.44 36.89 7.69
CA LYS D 110 33.80 37.34 7.99
C LYS D 110 34.45 37.99 6.77
N LYS D 111 34.34 37.35 5.61
CA LYS D 111 34.98 37.86 4.40
C LYS D 111 34.41 39.19 3.96
N VAL D 112 33.11 39.41 4.18
CA VAL D 112 32.46 40.62 3.72
C VAL D 112 32.88 41.83 4.54
N GLU D 113 33.16 41.66 5.83
CA GLU D 113 33.58 42.76 6.67
C GLU D 113 35.10 42.89 6.77
N LYS D 114 35.85 41.87 6.37
CA LYS D 114 37.31 41.91 6.46
C LYS D 114 37.91 42.46 5.18
N PRO G 4 -7.39 26.26 -15.81
CA PRO G 4 -8.24 27.17 -16.60
C PRO G 4 -9.61 26.56 -16.93
N TYR G 5 -9.60 25.30 -17.36
CA TYR G 5 -10.83 24.57 -17.62
C TYR G 5 -11.40 24.09 -16.29
N LEU G 6 -12.66 24.41 -16.03
CA LEU G 6 -13.27 24.24 -14.70
C LEU G 6 -13.81 22.83 -14.46
N LEU G 7 -12.89 21.87 -14.41
CA LEU G 7 -13.23 20.47 -14.08
C LEU G 7 -12.87 20.20 -12.62
N SER G 8 -13.87 20.15 -11.75
CA SER G 8 -13.66 19.88 -10.33
C SER G 8 -13.39 18.40 -10.06
N ASP G 9 -12.75 18.13 -8.91
CA ASP G 9 -12.50 16.77 -8.47
C ASP G 9 -13.80 15.99 -8.35
N LYS G 10 -14.81 16.60 -7.73
CA LYS G 10 -16.09 15.93 -7.52
C LYS G 10 -16.74 15.58 -8.83
N GLU G 11 -16.72 16.53 -9.78
CA GLU G 11 -17.31 16.29 -11.09
C GLU G 11 -16.58 15.17 -11.81
N VAL G 12 -15.25 15.12 -11.72
CA VAL G 12 -14.47 14.06 -12.34
C VAL G 12 -14.85 12.70 -11.75
N ARG G 13 -15.01 12.61 -10.43
CA ARG G 13 -15.40 11.35 -9.81
C ARG G 13 -16.72 10.86 -10.37
N GLU G 14 -17.71 11.76 -10.49
CA GLU G 14 -19.00 11.39 -11.04
C GLU G 14 -18.83 10.73 -12.41
N ILE G 15 -17.95 11.31 -13.24
CA ILE G 15 -17.72 10.77 -14.57
C ILE G 15 -17.07 9.39 -14.48
N VAL G 16 -16.13 9.22 -13.54
CA VAL G 16 -15.53 7.90 -13.33
C VAL G 16 -16.60 6.90 -12.94
N GLN G 17 -17.51 7.31 -12.04
CA GLN G 17 -18.54 6.41 -11.54
C GLN G 17 -19.50 5.99 -12.65
N GLN G 18 -19.92 6.95 -13.48
CA GLN G 18 -20.83 6.71 -14.58
C GLN G 18 -20.16 6.03 -15.76
N SER G 19 -18.83 5.93 -15.77
CA SER G 19 -18.14 5.41 -16.92
C SER G 19 -18.18 3.89 -16.93
N LEU G 20 -18.32 3.34 -18.12
CA LEU G 20 -18.45 1.90 -18.29
C LEU G 20 -17.10 1.22 -18.42
N SER G 21 -16.08 1.98 -18.80
CA SER G 21 -14.73 1.48 -19.03
C SER G 21 -13.81 2.67 -19.09
N VAL G 22 -12.50 2.39 -19.17
CA VAL G 22 -11.54 3.47 -19.28
C VAL G 22 -11.78 4.26 -20.57
N GLY G 23 -12.04 3.56 -21.67
CA GLY G 23 -12.32 4.25 -22.92
C GLY G 23 -13.54 5.16 -22.86
N ASN G 24 -14.65 4.63 -22.33
CA ASN G 24 -15.85 5.45 -22.18
C ASN G 24 -15.59 6.63 -21.27
N PHE G 25 -14.74 6.46 -20.25
CA PHE G 25 -14.36 7.58 -19.40
C PHE G 25 -13.65 8.66 -20.21
N ALA G 26 -12.71 8.27 -21.07
CA ALA G 26 -12.04 9.25 -21.91
C ALA G 26 -13.03 9.94 -22.84
N ALA G 27 -13.95 9.17 -23.43
CA ALA G 27 -14.94 9.75 -24.33
C ALA G 27 -15.82 10.75 -23.62
N ARG G 28 -16.23 10.44 -22.39
CA ARG G 28 -17.07 11.36 -21.63
C ARG G 28 -16.35 12.66 -21.33
N LEU G 29 -15.06 12.58 -20.96
CA LEU G 29 -14.27 13.79 -20.73
C LEU G 29 -14.18 14.64 -21.99
N LEU G 30 -14.05 13.99 -23.15
CA LEU G 30 -14.04 14.71 -24.41
C LEU G 30 -15.30 15.55 -24.58
N VAL G 31 -16.47 14.95 -24.29
CA VAL G 31 -17.74 15.67 -24.40
C VAL G 31 -17.79 16.83 -23.42
N ARG G 32 -17.33 16.61 -22.19
CA ARG G 32 -17.41 17.65 -21.16
C ARG G 32 -16.46 18.81 -21.43
N LEU G 33 -15.29 18.57 -22.00
CA LEU G 33 -14.29 19.62 -22.18
C LEU G 33 -14.36 20.29 -23.54
N PHE G 34 -15.02 19.67 -24.52
CA PHE G 34 -15.19 20.23 -25.85
C PHE G 34 -16.68 20.42 -26.15
N PRO G 35 -17.38 21.27 -25.37
CA PRO G 35 -18.82 21.42 -25.59
C PRO G 35 -19.16 22.01 -26.94
N GLU G 36 -18.31 22.90 -27.47
CA GLU G 36 -18.60 23.55 -28.75
C GLU G 36 -18.62 22.55 -29.90
N LEU G 37 -17.90 21.44 -29.75
CA LEU G 37 -17.85 20.42 -30.80
C LEU G 37 -19.04 19.49 -30.76
N PHE G 38 -19.76 19.42 -29.64
CA PHE G 38 -20.85 18.47 -29.48
C PHE G 38 -22.21 19.14 -29.44
N THR G 39 -22.33 20.34 -30.01
CA THR G 39 -23.62 20.97 -30.22
C THR G 39 -24.37 20.27 -31.36
N THR G 40 -25.58 20.75 -31.63
CA THR G 40 -26.35 20.24 -32.77
C THR G 40 -25.69 20.55 -34.10
N GLU G 41 -24.71 21.46 -34.13
CA GLU G 41 -23.95 21.74 -35.34
C GLU G 41 -22.96 20.62 -35.67
N ASN G 42 -22.58 19.80 -34.69
CA ASN G 42 -21.71 18.64 -34.90
C ASN G 42 -20.36 19.02 -35.50
N LEU G 43 -19.73 20.04 -34.91
CA LEU G 43 -18.37 20.41 -35.29
C LEU G 43 -17.36 19.31 -34.98
N ARG G 44 -17.71 18.39 -34.05
CA ARG G 44 -16.83 17.29 -33.68
C ARG G 44 -16.40 16.45 -34.88
N LEU G 45 -17.23 16.35 -35.92
CA LEU G 45 -16.95 15.46 -37.03
C LEU G 45 -15.74 15.89 -37.84
N GLN G 46 -15.34 17.16 -37.75
CA GLN G 46 -14.18 17.67 -38.46
C GLN G 46 -12.87 17.46 -37.71
N TYR G 47 -12.91 16.83 -36.54
CA TYR G 47 -11.75 16.74 -35.67
C TYR G 47 -11.45 15.29 -35.31
N ASN G 48 -10.17 15.02 -35.08
CA ASN G 48 -9.72 13.88 -34.30
C ASN G 48 -8.49 14.33 -33.50
N HIS G 49 -7.92 13.40 -32.73
CA HIS G 49 -6.93 13.80 -31.74
C HIS G 49 -5.63 14.29 -32.35
N SER G 50 -5.29 13.82 -33.55
CA SER G 50 -3.99 14.09 -34.15
C SER G 50 -4.03 14.95 -35.39
N GLY G 51 -5.20 15.12 -36.01
CA GLY G 51 -5.28 15.79 -37.28
C GLY G 51 -5.02 14.91 -38.49
N ALA G 52 -5.01 13.59 -38.32
CA ALA G 52 -4.80 12.68 -39.43
C ALA G 52 -6.00 12.72 -40.39
N CYS G 53 -5.78 12.21 -41.60
CA CYS G 53 -6.81 12.14 -42.62
C CYS G 53 -7.41 13.52 -42.92
N ASN G 54 -6.53 14.50 -43.06
CA ASN G 54 -6.86 15.88 -43.46
C ASN G 54 -7.84 16.57 -42.52
N LYS G 55 -8.08 16.02 -41.33
CA LYS G 55 -8.98 16.64 -40.37
C LYS G 55 -8.22 17.59 -39.44
N LYS G 56 -8.98 18.44 -38.76
CA LYS G 56 -8.40 19.32 -37.75
C LYS G 56 -8.10 18.51 -36.48
N GLN G 57 -7.17 19.03 -35.68
CA GLN G 57 -6.69 18.36 -34.49
C GLN G 57 -7.38 18.91 -33.24
N LEU G 58 -7.86 18.00 -32.37
CA LEU G 58 -8.39 18.40 -31.08
C LEU G 58 -7.35 19.18 -30.31
N ASP G 59 -7.79 20.24 -29.63
CA ASP G 59 -6.93 21.10 -28.82
C ASP G 59 -6.05 20.21 -27.94
N PRO G 60 -4.74 20.16 -28.20
CA PRO G 60 -3.88 19.24 -27.44
C PRO G 60 -3.74 19.62 -25.97
N THR G 61 -4.02 20.87 -25.59
CA THR G 61 -4.01 21.22 -24.19
C THR G 61 -5.06 20.44 -23.42
N ARG G 62 -6.31 20.47 -23.91
CA ARG G 62 -7.39 19.75 -23.25
C ARG G 62 -7.23 18.23 -23.41
N LEU G 63 -6.71 17.76 -24.55
CA LEU G 63 -6.48 16.33 -24.69
C LEU G 63 -5.41 15.83 -23.71
N ARG G 64 -4.36 16.62 -23.47
CA ARG G 64 -3.36 16.23 -22.47
C ARG G 64 -3.96 16.20 -21.07
N LEU G 65 -4.90 17.09 -20.77
CA LEU G 65 -5.56 17.05 -19.46
C LEU G 65 -6.37 15.76 -19.31
N ILE G 66 -7.07 15.35 -20.37
CA ILE G 66 -7.77 14.07 -20.35
C ILE G 66 -6.81 12.93 -20.09
N ARG G 67 -5.64 12.96 -20.72
CA ARG G 67 -4.61 11.96 -20.43
C ARG G 67 -4.27 11.93 -18.94
N HIS G 68 -4.13 13.11 -18.32
CA HIS G 68 -3.84 13.17 -16.89
C HIS G 68 -4.93 12.50 -16.08
N TYR G 69 -6.19 12.79 -16.38
CA TYR G 69 -7.28 12.19 -15.61
C TYR G 69 -7.28 10.67 -15.78
N VAL G 70 -7.01 10.20 -17.00
CA VAL G 70 -7.02 8.76 -17.22
C VAL G 70 -5.89 8.10 -16.44
N GLU G 71 -4.69 8.67 -16.49
CA GLU G 71 -3.53 8.02 -15.89
C GLU G 71 -3.31 8.32 -14.42
N ALA G 72 -3.88 9.39 -13.88
CA ALA G 72 -3.65 9.69 -12.47
C ALA G 72 -4.91 9.61 -11.60
N VAL G 73 -6.06 10.03 -12.09
CA VAL G 73 -7.27 10.11 -11.28
C VAL G 73 -8.16 8.88 -11.44
N TYR G 74 -8.26 8.33 -12.65
CA TYR G 74 -9.19 7.21 -12.88
C TYR G 74 -8.90 5.99 -12.03
N PRO G 75 -7.65 5.49 -11.90
CA PRO G 75 -7.49 4.23 -11.18
C PRO G 75 -7.65 4.39 -9.69
N VAL G 76 -7.21 5.51 -9.13
CA VAL G 76 -7.43 5.76 -7.72
C VAL G 76 -8.91 5.95 -7.44
N GLU G 77 -9.66 6.50 -8.40
CA GLU G 77 -11.11 6.64 -8.22
C GLU G 77 -11.84 5.32 -8.36
N LYS G 78 -11.35 4.42 -9.20
CA LYS G 78 -12.02 3.13 -9.30
C LYS G 78 -11.79 2.31 -8.03
N MET G 79 -10.60 2.40 -7.44
CA MET G 79 -10.36 1.71 -6.18
C MET G 79 -11.24 2.32 -5.09
N GLU G 80 -11.26 3.65 -5.05
CA GLU G 80 -12.05 4.36 -4.05
C GLU G 80 -13.50 3.97 -4.17
N GLU G 81 -14.02 3.89 -5.40
CA GLU G 81 -15.43 3.58 -5.55
C GLU G 81 -15.72 2.13 -5.24
N VAL G 82 -14.75 1.22 -5.39
CA VAL G 82 -15.01 -0.16 -5.01
C VAL G 82 -15.01 -0.30 -3.50
N TRP G 83 -14.02 0.29 -2.84
CA TRP G 83 -13.93 0.20 -1.38
C TRP G 83 -15.12 0.87 -0.71
N HIS G 84 -15.49 2.08 -1.15
CA HIS G 84 -16.56 2.80 -0.48
C HIS G 84 -17.92 2.21 -0.80
N TYR G 85 -18.15 1.77 -2.03
CA TYR G 85 -19.48 1.36 -2.46
C TYR G 85 -19.72 -0.15 -2.40
N GLU G 86 -18.68 -0.96 -2.36
CA GLU G 86 -18.86 -2.41 -2.30
C GLU G 86 -18.32 -3.01 -1.02
N CYS G 87 -17.05 -2.76 -0.69
CA CYS G 87 -16.47 -3.41 0.49
C CYS G 87 -17.10 -2.90 1.78
N ILE G 88 -17.19 -1.58 1.92
CA ILE G 88 -17.73 -1.01 3.16
C ILE G 88 -19.16 -1.46 3.41
N PRO G 89 -20.09 -1.40 2.44
CA PRO G 89 -21.43 -1.95 2.72
C PRO G 89 -21.41 -3.41 3.11
N SER G 90 -20.55 -4.22 2.49
CA SER G 90 -20.49 -5.64 2.84
C SER G 90 -19.96 -5.82 4.27
N ILE G 91 -19.00 -5.01 4.67
CA ILE G 91 -18.48 -5.09 6.04
C ILE G 91 -19.56 -4.73 7.05
N ASP G 92 -20.28 -3.63 6.79
CA ASP G 92 -21.37 -3.23 7.68
C ASP G 92 -22.49 -4.28 7.71
N GLU G 93 -22.83 -4.83 6.55
CA GLU G 93 -23.84 -5.88 6.50
C GLU G 93 -23.41 -7.09 7.32
N ARG G 94 -22.15 -7.50 7.18
CA ARG G 94 -21.68 -8.66 7.94
C ARG G 94 -21.67 -8.38 9.44
N CYS G 95 -21.42 -7.13 9.84
CA CYS G 95 -21.40 -6.82 11.26
C CYS G 95 -22.79 -6.78 11.88
N ARG G 96 -23.80 -6.36 11.11
CA ARG G 96 -25.15 -6.22 11.61
C ARG G 96 -26.06 -7.36 11.18
N ARG G 97 -25.55 -8.32 10.42
CA ARG G 97 -26.40 -9.39 9.89
C ARG G 97 -27.07 -10.16 11.02
N PRO G 98 -28.38 -10.35 10.97
CA PRO G 98 -29.06 -11.11 12.02
C PRO G 98 -28.81 -12.61 11.89
N ASN G 99 -28.92 -13.29 13.03
CA ASN G 99 -28.71 -14.74 13.07
C ASN G 99 -29.81 -15.46 12.30
N ARG G 100 -31.06 -15.26 12.69
CA ARG G 100 -32.21 -15.76 11.97
C ARG G 100 -33.08 -14.59 11.54
N LYS G 101 -33.71 -14.74 10.38
CA LYS G 101 -34.45 -13.63 9.79
C LYS G 101 -35.70 -13.29 10.61
N LYS G 102 -36.25 -12.10 10.33
CA LYS G 102 -37.49 -11.69 10.97
C LYS G 102 -38.67 -12.49 10.46
N CYS G 103 -38.66 -12.89 9.18
CA CYS G 103 -39.74 -13.69 8.65
C CYS G 103 -39.70 -15.14 9.15
N ASP G 104 -38.54 -15.62 9.60
CA ASP G 104 -38.44 -16.97 10.15
C ASP G 104 -38.71 -17.04 11.64
N ILE G 105 -38.34 -16.01 12.40
CA ILE G 105 -38.66 -15.98 13.82
C ILE G 105 -40.15 -15.70 14.03
N LEU G 106 -40.71 -14.77 13.24
CA LEU G 106 -42.14 -14.47 13.35
C LEU G 106 -43.01 -15.65 12.91
N LYS G 107 -42.53 -16.44 11.94
CA LYS G 107 -43.27 -17.64 11.54
C LYS G 107 -43.23 -18.70 12.62
N LYS G 108 -42.07 -18.87 13.28
CA LYS G 108 -41.95 -19.85 14.35
C LYS G 108 -42.27 -19.21 15.71
N VAL J 1 -1.08 -2.40 12.62
CA VAL J 1 0.19 -2.40 13.36
C VAL J 1 0.35 -3.59 14.36
N PRO J 2 -0.73 -4.13 14.94
CA PRO J 2 -0.55 -5.34 15.76
C PRO J 2 -0.15 -6.54 14.91
N SER J 3 0.91 -7.23 15.33
CA SER J 3 1.56 -8.32 14.59
C SER J 3 0.76 -9.62 14.47
N PRO J 4 -0.06 -10.03 15.46
CA PRO J 4 -0.78 -11.31 15.27
C PRO J 4 -1.71 -11.33 14.07
N TYR J 5 -2.39 -10.19 13.78
CA TYR J 5 -3.36 -10.07 12.69
C TYR J 5 -2.73 -10.10 11.30
N LEU J 6 -1.43 -10.38 11.16
CA LEU J 6 -0.74 -10.30 9.88
C LEU J 6 -0.93 -11.58 9.10
N LEU J 7 -1.59 -11.48 7.95
CA LEU J 7 -1.86 -12.63 7.09
C LEU J 7 -0.77 -12.81 6.04
N SER J 8 -0.35 -14.06 5.87
CA SER J 8 0.61 -14.43 4.86
C SER J 8 -0.04 -14.39 3.48
N ASP J 9 0.82 -14.36 2.45
CA ASP J 9 0.33 -14.40 1.07
C ASP J 9 -0.60 -15.59 0.84
N LYS J 10 -0.21 -16.78 1.33
CA LYS J 10 -1.02 -17.98 1.12
C LYS J 10 -2.36 -17.88 1.85
N GLU J 11 -2.36 -17.41 3.10
CA GLU J 11 -3.62 -17.31 3.84
C GLU J 11 -4.59 -16.37 3.14
N VAL J 12 -4.09 -15.26 2.62
CA VAL J 12 -4.96 -14.36 1.86
C VAL J 12 -5.54 -15.07 0.65
N ARG J 13 -4.71 -15.83 -0.06
CA ARG J 13 -5.18 -16.57 -1.22
C ARG J 13 -6.34 -17.50 -0.85
N GLU J 14 -6.21 -18.24 0.24
CA GLU J 14 -7.30 -19.11 0.68
C GLU J 14 -8.59 -18.33 0.89
N ILE J 15 -8.52 -17.16 1.51
CA ILE J 15 -9.72 -16.35 1.73
C ILE J 15 -10.29 -15.84 0.41
N VAL J 16 -9.42 -15.47 -0.53
CA VAL J 16 -9.89 -15.05 -1.85
C VAL J 16 -10.66 -16.19 -2.52
N GLN J 17 -10.13 -17.40 -2.41
CA GLN J 17 -10.75 -18.54 -3.08
C GLN J 17 -12.15 -18.79 -2.53
N GLN J 18 -12.31 -18.73 -1.21
CA GLN J 18 -13.60 -19.00 -0.59
C GLN J 18 -14.60 -17.88 -0.79
N SER J 19 -14.16 -16.71 -1.20
CA SER J 19 -15.02 -15.54 -1.34
C SER J 19 -15.71 -15.51 -2.69
N LEU J 20 -16.97 -15.08 -2.70
CA LEU J 20 -17.76 -15.02 -3.93
C LEU J 20 -17.64 -13.70 -4.68
N SER J 21 -17.14 -12.66 -4.03
CA SER J 21 -17.03 -11.37 -4.71
C SER J 21 -16.06 -10.50 -3.93
N VAL J 22 -15.70 -9.36 -4.53
CA VAL J 22 -14.80 -8.46 -3.83
C VAL J 22 -15.45 -7.96 -2.54
N GLY J 23 -16.74 -7.61 -2.61
CA GLY J 23 -17.43 -7.20 -1.40
C GLY J 23 -17.46 -8.29 -0.35
N ASN J 24 -17.81 -9.51 -0.76
CA ASN J 24 -17.77 -10.65 0.14
C ASN J 24 -16.36 -10.93 0.63
N PHE J 25 -15.35 -10.69 -0.21
CA PHE J 25 -13.97 -10.90 0.22
C PHE J 25 -13.64 -10.00 1.41
N ALA J 26 -14.03 -8.73 1.32
CA ALA J 26 -13.84 -7.84 2.45
C ALA J 26 -14.60 -8.33 3.68
N ALA J 27 -15.83 -8.82 3.49
CA ALA J 27 -16.61 -9.31 4.61
C ALA J 27 -15.92 -10.48 5.29
N ARG J 28 -15.36 -11.41 4.50
CA ARG J 28 -14.63 -12.54 5.08
C ARG J 28 -13.39 -12.08 5.82
N LEU J 29 -12.66 -11.11 5.27
CA LEU J 29 -11.52 -10.55 5.97
C LEU J 29 -11.94 -9.95 7.30
N LEU J 30 -13.13 -9.33 7.33
CA LEU J 30 -13.67 -8.79 8.58
C LEU J 30 -13.80 -9.88 9.63
N VAL J 31 -14.38 -11.02 9.26
CA VAL J 31 -14.53 -12.11 10.20
C VAL J 31 -13.17 -12.64 10.60
N ARG J 32 -12.25 -12.75 9.63
CA ARG J 32 -10.93 -13.31 9.88
C ARG J 32 -10.10 -12.39 10.77
N LEU J 33 -10.27 -11.07 10.64
CA LEU J 33 -9.47 -10.11 11.38
C LEU J 33 -10.12 -9.58 12.65
N PHE J 34 -11.44 -9.76 12.81
CA PHE J 34 -12.14 -9.34 14.03
C PHE J 34 -12.77 -10.57 14.69
N PRO J 35 -11.96 -11.55 15.10
CA PRO J 35 -12.55 -12.76 15.67
C PRO J 35 -13.33 -12.51 16.95
N GLU J 36 -12.93 -11.52 17.76
CA GLU J 36 -13.59 -11.27 19.04
C GLU J 36 -15.02 -10.78 18.86
N LEU J 37 -15.36 -10.19 17.72
CA LEU J 37 -16.70 -9.71 17.48
C LEU J 37 -17.64 -10.82 17.03
N PHE J 38 -17.11 -11.96 16.61
CA PHE J 38 -17.92 -13.03 16.05
C PHE J 38 -18.03 -14.23 16.98
N THR J 39 -17.85 -14.02 18.28
CA THR J 39 -18.14 -15.06 19.26
C THR J 39 -19.65 -15.23 19.40
N THR J 40 -20.03 -16.17 20.28
CA THR J 40 -21.45 -16.32 20.59
C THR J 40 -22.02 -15.09 21.27
N GLU J 41 -21.15 -14.20 21.76
CA GLU J 41 -21.60 -12.94 22.33
C GLU J 41 -22.05 -11.95 21.26
N ASN J 42 -21.59 -12.12 20.02
CA ASN J 42 -22.01 -11.30 18.88
C ASN J 42 -21.75 -9.81 19.11
N LEU J 43 -20.52 -9.50 19.54
CA LEU J 43 -20.13 -8.10 19.69
C LEU J 43 -20.16 -7.36 18.37
N ARG J 44 -20.13 -8.07 17.23
CA ARG J 44 -20.21 -7.42 15.93
C ARG J 44 -21.44 -6.51 15.82
N LEU J 45 -22.53 -6.84 16.51
CA LEU J 45 -23.76 -6.08 16.32
C LEU J 45 -23.66 -4.65 16.85
N GLN J 46 -22.71 -4.37 17.74
CA GLN J 46 -22.55 -3.03 18.29
C GLN J 46 -21.61 -2.17 17.45
N TYR J 47 -21.09 -2.70 16.34
CA TYR J 47 -20.07 -2.04 15.56
C TYR J 47 -20.49 -1.90 14.10
N ASN J 48 -19.99 -0.84 13.49
CA ASN J 48 -19.85 -0.74 12.05
C ASN J 48 -18.55 0.01 11.76
N HIS J 49 -18.27 0.25 10.48
CA HIS J 49 -16.95 0.73 10.10
C HIS J 49 -16.69 2.16 10.54
N SER J 50 -17.74 2.97 10.72
CA SER J 50 -17.57 4.39 10.97
C SER J 50 -18.05 4.82 12.35
N GLY J 51 -18.83 4.00 13.06
CA GLY J 51 -19.43 4.45 14.30
C GLY J 51 -20.74 5.18 14.13
N ALA J 52 -21.36 5.09 12.97
CA ALA J 52 -22.65 5.74 12.73
C ALA J 52 -23.74 5.08 13.57
N CYS J 53 -24.86 5.80 13.72
CA CYS J 53 -26.05 5.29 14.41
C CYS J 53 -25.74 4.85 15.83
N ASN J 54 -25.03 5.70 16.57
CA ASN J 54 -24.72 5.51 17.98
C ASN J 54 -23.95 4.22 18.26
N LYS J 55 -23.41 3.59 17.22
CA LYS J 55 -22.68 2.35 17.37
C LYS J 55 -21.20 2.61 17.61
N LYS J 56 -20.51 1.58 18.06
CA LYS J 56 -19.07 1.67 18.19
C LYS J 56 -18.44 1.56 16.79
N GLN J 57 -17.23 2.09 16.66
CA GLN J 57 -16.53 2.09 15.39
C GLN J 57 -15.51 0.97 15.36
N LEU J 58 -15.52 0.19 14.26
CA LEU J 58 -14.52 -0.85 14.07
C LEU J 58 -13.13 -0.27 14.15
N ASP J 59 -12.22 -1.01 14.80
CA ASP J 59 -10.82 -0.61 14.93
C ASP J 59 -10.27 -0.17 13.58
N PRO J 60 -10.00 1.13 13.41
CA PRO J 60 -9.59 1.61 12.08
C PRO J 60 -8.24 1.07 11.64
N THR J 61 -7.39 0.61 12.58
CA THR J 61 -6.14 -0.01 12.16
C THR J 61 -6.40 -1.27 11.35
N ARG J 62 -7.23 -2.17 11.90
CA ARG J 62 -7.58 -3.39 11.17
C ARG J 62 -8.48 -3.09 9.98
N LEU J 63 -9.37 -2.11 10.09
CA LEU J 63 -10.22 -1.75 8.96
C LEU J 63 -9.38 -1.22 7.80
N ARG J 64 -8.34 -0.46 8.10
CA ARG J 64 -7.38 -0.08 7.05
C ARG J 64 -6.66 -1.31 6.51
N LEU J 65 -6.38 -2.29 7.39
CA LEU J 65 -5.72 -3.52 6.95
C LEU J 65 -6.60 -4.29 5.97
N ILE J 66 -7.90 -4.37 6.25
CA ILE J 66 -8.81 -5.04 5.31
C ILE J 66 -8.70 -4.39 3.93
N ARG J 67 -8.70 -3.05 3.89
CA ARG J 67 -8.51 -2.34 2.62
C ARG J 67 -7.19 -2.72 1.98
N HIS J 68 -6.13 -2.83 2.78
CA HIS J 68 -4.83 -3.21 2.23
C HIS J 68 -4.88 -4.56 1.53
N TYR J 69 -5.51 -5.55 2.16
CA TYR J 69 -5.63 -6.87 1.52
C TYR J 69 -6.56 -6.83 0.31
N VAL J 70 -7.64 -6.05 0.38
CA VAL J 70 -8.56 -5.96 -0.75
C VAL J 70 -7.85 -5.41 -1.96
N GLU J 71 -7.01 -4.43 -1.76
CA GLU J 71 -6.33 -3.80 -2.86
C GLU J 71 -5.10 -4.51 -3.25
N ALA J 72 -4.64 -5.42 -2.47
CA ALA J 72 -3.46 -6.21 -2.82
C ALA J 72 -3.84 -7.32 -3.79
N VAL J 73 -5.05 -7.85 -3.67
CA VAL J 73 -5.51 -8.93 -4.53
C VAL J 73 -6.21 -8.35 -5.76
N TYR J 74 -6.91 -7.23 -5.59
CA TYR J 74 -7.65 -6.58 -6.65
C TYR J 74 -7.01 -5.22 -6.91
N PRO J 75 -5.79 -5.18 -7.47
CA PRO J 75 -5.02 -3.94 -7.54
C PRO J 75 -5.44 -3.02 -8.68
N VAL J 76 -4.71 -1.90 -8.79
CA VAL J 76 -4.91 -0.91 -9.84
C VAL J 76 -4.47 -1.44 -11.20
N GLU J 77 -5.23 -1.10 -12.25
CA GLU J 77 -4.84 -1.46 -13.61
C GLU J 77 -3.71 -0.53 -14.09
N LYS J 78 -2.67 -1.13 -14.67
CA LYS J 78 -1.53 -0.37 -15.21
C LYS J 78 -1.96 0.34 -16.48
N MET J 79 -2.16 1.65 -16.38
CA MET J 79 -2.62 2.54 -17.45
C MET J 79 -1.57 2.79 -18.52
N GLU J 80 -0.38 2.20 -18.42
CA GLU J 80 0.71 2.55 -19.33
C GLU J 80 0.30 2.35 -20.79
N GLU J 81 -0.19 1.17 -21.13
CA GLU J 81 -0.57 0.88 -22.50
C GLU J 81 -1.99 1.37 -22.85
N VAL J 82 -2.82 1.66 -21.84
CA VAL J 82 -4.24 1.91 -22.08
C VAL J 82 -4.49 3.20 -22.83
N TRP J 83 -3.78 4.27 -22.49
CA TRP J 83 -4.09 5.57 -23.12
C TRP J 83 -3.91 5.53 -24.63
N HIS J 84 -2.82 4.93 -25.10
CA HIS J 84 -2.58 4.93 -26.54
C HIS J 84 -3.50 3.95 -27.25
N TYR J 85 -3.78 2.80 -26.62
CA TYR J 85 -4.46 1.70 -27.29
C TYR J 85 -5.96 1.65 -27.05
N GLU J 86 -6.46 2.24 -25.98
CA GLU J 86 -7.88 2.18 -25.65
C GLU J 86 -8.56 3.53 -25.64
N CYS J 87 -8.02 4.50 -24.89
CA CYS J 87 -8.67 5.79 -24.77
C CYS J 87 -8.66 6.55 -26.09
N ILE J 88 -7.51 6.59 -26.76
CA ILE J 88 -7.41 7.32 -28.04
C ILE J 88 -8.37 6.77 -29.09
N PRO J 89 -8.47 5.44 -29.30
CA PRO J 89 -9.50 4.97 -30.27
C PRO J 89 -10.90 5.41 -29.93
N SER J 90 -11.26 5.40 -28.63
CA SER J 90 -12.60 5.81 -28.24
C SER J 90 -12.82 7.31 -28.47
N ILE J 91 -11.80 8.13 -28.23
CA ILE J 91 -11.93 9.57 -28.46
C ILE J 91 -12.15 9.83 -29.95
N ASP J 92 -11.36 9.18 -30.80
CA ASP J 92 -11.54 9.32 -32.24
C ASP J 92 -12.91 8.81 -32.68
N GLU J 93 -13.34 7.70 -32.09
CA GLU J 93 -14.65 7.14 -32.38
C GLU J 93 -15.76 8.14 -32.05
N ARG J 94 -15.66 8.80 -30.89
CA ARG J 94 -16.67 9.77 -30.50
C ARG J 94 -16.68 11.00 -31.42
N CYS J 95 -15.51 11.39 -31.95
CA CYS J 95 -15.48 12.57 -32.81
C CYS J 95 -16.09 12.30 -34.18
N ARG J 96 -15.95 11.09 -34.69
CA ARG J 96 -16.44 10.73 -36.02
C ARG J 96 -17.76 9.98 -35.98
N ARG J 97 -18.31 9.71 -34.80
CA ARG J 97 -19.52 8.92 -34.68
C ARG J 97 -20.69 9.57 -35.42
N PRO J 98 -21.41 8.84 -36.27
CA PRO J 98 -22.59 9.40 -36.92
C PRO J 98 -23.74 9.49 -35.94
N ASN J 99 -24.66 10.42 -36.22
CA ASN J 99 -25.82 10.64 -35.35
C ASN J 99 -26.75 9.43 -35.31
#